data_4DVG
#
_entry.id   4DVG
#
_cell.length_a   138.564
_cell.length_b   138.564
_cell.length_c   57.765
_cell.angle_alpha   90.00
_cell.angle_beta   90.00
_cell.angle_gamma   120.00
#
_symmetry.space_group_name_H-M   'P 61'
#
loop_
_entity.id
_entity.type
_entity.pdbx_description
1 polymer 'Rho-like small GTPase'
2 polymer 'Diaphanous protein'
3 non-polymer "5'-GUANOSINE-DIPHOSPHATE-MONOTHIOPHOSPHATE"
4 non-polymer 'MAGNESIUM ION'
5 water water
#
loop_
_entity_poly.entity_id
_entity_poly.type
_entity_poly.pdbx_seq_one_letter_code
_entity_poly.pdbx_strand_id
1 'polypeptide(L)'
;SNALAFSDMNTGAGKIENGKKALKIVVVGDGAVGKTCLLLAFSKGEIPTAYVPTVFENFSHVMKYKNEEFILHLWDTAGQ
EEYDRLRPLSYADSDVVLLCFAVNNRTSFDNISTKWEPEIKHYIDTAKTVLVGLKVDLRKDGSDDVTKQEGDDLCQKLGC
VAYIEASSVAKIGLNEVFEKSVDCIFSN
;
A
2 'polypeptide(L)'
;SNA(MSE)PPEEVVQQKFAIVAKE(MSE)KIDNPELITIPNQWKLVQEYEKKQKKDIRIQLNAQKTGNWRNAITDPKYLA
DLLKTRDD(MSE)DLLNE(MSE)VVVFRSSSVSFIKTFVSVGGLANL(MSE)AIYKKKIEAENSNTAIDEERKCCEVLRY
VFAEEDATVALIEIDGGVELLLKG(MSE)NSKRITPDNQLDILLEITLTSS(MSE)VEHPSQEGLYLGGDVCV(MSE)NA
FSNLVSEGVD(MSE)KKFLSFFSLFSKSKSEKFKHASLVLINNLIDQPELEHR(MSE)DVRNSFIEIGLVNELEN(MSE)
KNTEW(MSE)KIDKIKDSINDFFDSWEEDKKEVESRFDDLKQVVDFESTKSLNNYVTEQ(MSE)DKFECNDILTNVHKEI
LFFAK
;
B
#
loop_
_chem_comp.id
_chem_comp.type
_chem_comp.name
_chem_comp.formula
GSP non-polymer 5'-GUANOSINE-DIPHOSPHATE-MONOTHIOPHOSPHATE 'C10 H16 N5 O13 P3 S'
MG non-polymer 'MAGNESIUM ION' 'Mg 2'
#
# COMPACT_ATOMS: atom_id res chain seq x y z
N LEU A 23 -27.43 8.84 15.31
CA LEU A 23 -25.99 9.07 15.51
C LEU A 23 -25.07 7.98 14.89
N LYS A 24 -24.32 8.33 13.84
CA LYS A 24 -23.40 7.37 13.22
C LYS A 24 -21.95 7.46 13.72
N ILE A 25 -21.44 6.38 14.31
CA ILE A 25 -20.06 6.38 14.80
C ILE A 25 -19.20 5.33 14.10
N VAL A 26 -18.07 5.76 13.52
CA VAL A 26 -17.15 4.86 12.84
C VAL A 26 -15.83 4.79 13.59
N VAL A 27 -15.25 3.60 13.62
CA VAL A 27 -14.03 3.33 14.35
C VAL A 27 -12.89 2.95 13.40
N VAL A 28 -11.82 3.75 13.39
CA VAL A 28 -10.64 3.42 12.58
C VAL A 28 -9.33 3.35 13.37
N GLY A 29 -8.41 2.56 12.85
CA GLY A 29 -7.07 2.47 13.42
C GLY A 29 -6.35 1.24 12.93
N ASP A 30 -5.06 1.17 13.25
CA ASP A 30 -4.19 0.08 12.83
C ASP A 30 -4.73 -1.28 13.24
N GLY A 31 -4.35 -2.32 12.51
CA GLY A 31 -4.58 -3.69 12.94
C GLY A 31 -4.21 -3.93 14.41
N ALA A 32 -5.15 -4.48 15.16
CA ALA A 32 -4.87 -5.13 16.42
C ALA A 32 -4.73 -4.19 17.58
N VAL A 33 -5.22 -2.96 17.42
CA VAL A 33 -5.12 -1.98 18.50
C VAL A 33 -6.26 -2.11 19.49
N GLY A 34 -7.29 -2.85 19.11
CA GLY A 34 -8.41 -3.16 20.00
C GLY A 34 -9.75 -2.50 19.69
N LYS A 35 -10.00 -2.21 18.42
CA LYS A 35 -11.26 -1.61 18.02
C LYS A 35 -12.47 -2.53 18.26
N THR A 36 -12.40 -3.76 17.73
CA THR A 36 -13.49 -4.73 17.91
C THR A 36 -13.81 -4.88 19.39
N CYS A 37 -12.79 -5.20 20.18
CA CYS A 37 -12.92 -5.28 21.63
C CYS A 37 -13.53 -4.02 22.24
N LEU A 38 -13.09 -2.85 21.78
CA LEU A 38 -13.68 -1.60 22.28
C LEU A 38 -15.20 -1.60 22.10
N LEU A 39 -15.65 -1.94 20.90
CA LEU A 39 -17.08 -1.95 20.59
C LEU A 39 -17.85 -3.01 21.38
N LEU A 40 -17.33 -4.22 21.40
CA LEU A 40 -18.08 -5.32 21.99
C LEU A 40 -18.05 -5.29 23.51
N ALA A 41 -17.11 -4.55 24.08
CA ALA A 41 -17.03 -4.48 25.53
C ALA A 41 -18.02 -3.43 26.00
N PHE A 42 -18.15 -2.39 25.18
CA PHE A 42 -19.04 -1.28 25.47
C PHE A 42 -20.49 -1.74 25.48
N SER A 43 -20.80 -2.76 24.68
CA SER A 43 -22.19 -3.13 24.45
C SER A 43 -22.52 -4.61 24.60
N LYS A 44 -21.79 -5.33 25.44
CA LYS A 44 -22.07 -6.77 25.60
C LYS A 44 -22.19 -7.26 27.04
N GLY A 45 -21.24 -6.92 27.90
CA GLY A 45 -20.03 -6.21 27.54
C GLY A 45 -18.85 -7.09 27.89
N GLU A 46 -18.36 -7.82 26.88
CA GLU A 46 -17.23 -8.74 27.05
C GLU A 46 -16.42 -8.84 25.77
N ILE A 47 -15.51 -9.81 25.76
CA ILE A 47 -14.56 -10.00 24.66
C ILE A 47 -14.81 -11.31 23.94
N PRO A 48 -14.52 -11.36 22.63
CA PRO A 48 -14.70 -12.53 21.75
C PRO A 48 -13.72 -13.71 21.94
N THR A 49 -12.86 -13.66 22.97
CA THR A 49 -11.96 -14.77 23.23
C THR A 49 -11.02 -14.98 22.04
N ALA A 50 -11.62 -15.30 20.89
CA ALA A 50 -10.82 -15.55 19.71
C ALA A 50 -10.64 -14.27 18.90
N TYR A 51 -9.39 -13.89 18.69
CA TYR A 51 -9.09 -12.74 17.87
C TYR A 51 -9.33 -13.04 16.41
N VAL A 52 -10.35 -12.41 15.85
CA VAL A 52 -10.51 -12.51 14.42
C VAL A 52 -10.41 -11.16 13.78
N PRO A 53 -9.48 -11.01 12.84
CA PRO A 53 -9.28 -9.70 12.17
C PRO A 53 -10.58 -9.25 11.47
N THR A 54 -10.98 -8.01 11.72
CA THR A 54 -12.21 -7.42 11.19
C THR A 54 -12.12 -7.23 9.70
N VAL A 55 -13.20 -7.45 8.96
CA VAL A 55 -13.19 -7.11 7.55
C VAL A 55 -14.13 -5.94 7.39
N PHE A 56 -15.34 -6.16 7.90
CA PHE A 56 -16.41 -5.19 7.96
C PHE A 56 -17.39 -5.70 9.00
N GLU A 57 -17.97 -4.77 9.74
CA GLU A 57 -18.95 -5.14 10.73
C GLU A 57 -19.83 -3.92 10.93
N ASN A 58 -21.12 -4.14 11.15
CA ASN A 58 -22.03 -3.03 11.36
C ASN A 58 -23.25 -3.47 12.11
N PHE A 59 -23.42 -2.88 13.29
CA PHE A 59 -24.61 -3.13 14.09
C PHE A 59 -24.98 -1.88 14.86
N SER A 60 -26.26 -1.75 15.18
CA SER A 60 -26.74 -0.66 16.00
C SER A 60 -26.86 -1.18 17.42
N HIS A 61 -27.05 -0.28 18.36
CA HIS A 61 -27.11 -0.65 19.77
C HIS A 61 -27.66 0.52 20.57
N VAL A 62 -28.58 0.24 21.50
CA VAL A 62 -29.22 1.29 22.28
C VAL A 62 -28.52 1.56 23.61
N MET A 63 -28.26 2.84 23.87
CA MET A 63 -27.49 3.28 25.03
C MET A 63 -28.30 4.23 25.87
N LYS A 64 -28.45 3.91 27.16
CA LYS A 64 -29.14 4.79 28.08
C LYS A 64 -28.20 5.88 28.63
N TYR A 65 -28.54 7.12 28.33
CA TYR A 65 -27.72 8.26 28.71
C TYR A 65 -28.68 9.42 28.94
N LYS A 66 -28.54 10.08 30.09
CA LYS A 66 -29.52 11.07 30.55
C LYS A 66 -30.85 10.37 30.82
N ASN A 67 -31.94 11.08 30.59
CA ASN A 67 -33.27 10.49 30.76
C ASN A 67 -33.87 10.02 29.45
N GLU A 68 -32.99 9.62 28.53
CA GLU A 68 -33.41 9.22 27.20
C GLU A 68 -32.46 8.17 26.62
N GLU A 69 -32.97 7.39 25.67
CA GLU A 69 -32.15 6.39 25.00
C GLU A 69 -31.61 6.96 23.69
N PHE A 70 -30.49 6.42 23.22
CA PHE A 70 -29.88 6.88 21.97
C PHE A 70 -29.69 5.75 20.96
N ILE A 71 -29.69 6.11 19.68
CA ILE A 71 -29.48 5.14 18.61
C ILE A 71 -28.05 5.22 18.07
N LEU A 72 -27.25 4.21 18.41
CA LEU A 72 -25.83 4.20 18.03
C LEU A 72 -25.55 3.22 16.91
N HIS A 73 -25.34 3.75 15.71
CA HIS A 73 -24.93 2.93 14.59
C HIS A 73 -23.40 2.81 14.52
N LEU A 74 -22.91 1.61 14.83
CA LEU A 74 -21.48 1.38 14.94
C LEU A 74 -20.98 0.72 13.70
N TRP A 75 -19.88 1.28 13.16
CA TRP A 75 -19.24 0.78 11.97
C TRP A 75 -17.81 0.44 12.38
N ASP A 76 -17.51 -0.85 12.40
CA ASP A 76 -16.18 -1.35 12.72
C ASP A 76 -15.47 -1.52 11.41
N THR A 77 -14.18 -1.18 11.36
CA THR A 77 -13.44 -1.26 10.10
C THR A 77 -12.19 -2.11 10.24
N ALA A 78 -11.57 -2.41 9.11
CA ALA A 78 -10.35 -3.22 9.09
C ALA A 78 -9.09 -2.38 9.25
N GLY A 79 -8.27 -2.73 10.25
CA GLY A 79 -6.96 -2.12 10.41
C GLY A 79 -5.99 -2.55 9.32
N GLN A 80 -6.07 -3.81 8.91
CA GLN A 80 -5.13 -4.36 7.92
C GLN A 80 -5.13 -3.63 6.56
N GLU A 81 -3.95 -3.52 5.98
CA GLU A 81 -3.74 -2.85 4.71
C GLU A 81 -4.56 -3.53 3.58
N GLU A 82 -4.69 -4.84 3.63
CA GLU A 82 -5.43 -5.58 2.62
C GLU A 82 -6.79 -4.97 2.32
N TYR A 83 -7.39 -4.33 3.30
CA TYR A 83 -8.73 -3.87 3.07
C TYR A 83 -8.81 -2.36 2.91
N ASP A 84 -7.75 -1.78 2.36
CA ASP A 84 -7.69 -0.33 2.19
C ASP A 84 -8.72 0.18 1.18
N ARG A 85 -8.95 -0.54 0.10
CA ARG A 85 -9.83 -0.01 -0.94
C ARG A 85 -11.33 -0.15 -0.60
N LEU A 86 -11.61 -0.65 0.59
CA LEU A 86 -12.95 -1.01 1.00
C LEU A 86 -13.40 -0.22 2.22
N ARG A 87 -12.45 0.14 3.07
CA ARG A 87 -12.74 0.94 4.25
C ARG A 87 -13.51 2.22 3.90
N PRO A 88 -13.25 2.82 2.73
CA PRO A 88 -14.03 4.04 2.49
C PRO A 88 -15.54 3.77 2.41
N LEU A 89 -15.95 2.56 2.05
CA LEU A 89 -17.37 2.22 2.01
C LEU A 89 -18.09 2.42 3.35
N SER A 90 -17.32 2.62 4.42
CA SER A 90 -17.90 2.78 5.74
C SER A 90 -18.11 4.23 6.19
N TYR A 91 -17.65 5.18 5.39
CA TYR A 91 -17.52 6.56 5.90
C TYR A 91 -18.75 7.45 5.70
N ALA A 92 -19.59 7.17 4.71
CA ALA A 92 -20.68 8.08 4.38
C ALA A 92 -21.51 8.55 5.58
N ASP A 93 -21.76 9.86 5.64
CA ASP A 93 -22.68 10.43 6.62
C ASP A 93 -22.28 10.18 8.07
N SER A 94 -21.01 9.92 8.32
CA SER A 94 -20.55 9.70 9.69
C SER A 94 -20.58 10.99 10.50
N ASP A 95 -21.15 10.94 11.70
CA ASP A 95 -21.20 12.11 12.57
C ASP A 95 -19.91 12.15 13.39
N VAL A 96 -19.54 10.99 13.94
CA VAL A 96 -18.31 10.89 14.71
C VAL A 96 -17.41 9.76 14.20
N VAL A 97 -16.10 10.03 14.14
CA VAL A 97 -15.12 8.99 13.87
C VAL A 97 -14.20 8.80 15.07
N LEU A 98 -14.02 7.56 15.51
CA LEU A 98 -13.07 7.27 16.58
C LEU A 98 -11.71 6.90 16.00
N LEU A 99 -10.75 7.81 16.15
CA LEU A 99 -9.38 7.55 15.72
C LEU A 99 -8.70 6.78 16.83
N CYS A 100 -8.45 5.49 16.61
CA CYS A 100 -7.90 4.65 17.67
C CYS A 100 -6.47 4.22 17.43
N PHE A 101 -5.64 4.37 18.46
CA PHE A 101 -4.35 3.69 18.51
C PHE A 101 -4.26 2.91 19.83
N ALA A 102 -3.21 2.12 19.98
CA ALA A 102 -2.99 1.43 21.24
C ALA A 102 -1.81 2.08 21.94
N VAL A 103 -1.97 2.43 23.21
CA VAL A 103 -0.95 3.24 23.87
C VAL A 103 0.42 2.57 24.02
N ASN A 104 0.45 1.25 23.82
CA ASN A 104 1.69 0.49 23.93
C ASN A 104 2.26 0.17 22.56
N ASN A 105 1.93 1.03 21.60
CA ASN A 105 2.25 0.79 20.21
C ASN A 105 2.44 2.12 19.48
N ARG A 106 3.50 2.82 19.85
CA ARG A 106 3.84 4.09 19.26
C ARG A 106 3.58 4.13 17.74
N THR A 107 3.94 3.06 17.06
CA THR A 107 3.74 2.96 15.63
C THR A 107 2.28 3.23 15.20
N SER A 108 1.33 2.69 15.96
CA SER A 108 -0.08 2.96 15.70
C SER A 108 -0.42 4.42 15.99
N PHE A 109 0.16 4.93 17.06
CA PHE A 109 0.07 6.35 17.38
C PHE A 109 0.57 7.25 16.22
N ASP A 110 1.71 6.92 15.64
CA ASP A 110 2.24 7.75 14.56
C ASP A 110 1.36 7.69 13.34
N ASN A 111 0.71 6.55 13.14
CA ASN A 111 -0.10 6.30 11.97
C ASN A 111 -1.40 7.10 11.94
N ILE A 112 -1.84 7.52 13.12
CA ILE A 112 -3.00 8.38 13.23
C ILE A 112 -2.80 9.63 12.38
N SER A 113 -1.65 10.27 12.46
CA SER A 113 -1.44 11.52 11.71
C SER A 113 -0.89 11.36 10.29
N THR A 114 -0.42 10.15 9.94
CA THR A 114 0.08 9.90 8.57
C THR A 114 -0.94 9.12 7.73
N LYS A 115 -1.75 8.28 8.39
CA LYS A 115 -2.69 7.44 7.67
C LYS A 115 -4.17 7.73 7.97
N TRP A 116 -4.55 7.59 9.23
CA TRP A 116 -5.95 7.67 9.66
C TRP A 116 -6.61 9.05 9.55
N GLU A 117 -6.06 10.05 10.22
CA GLU A 117 -6.62 11.39 10.10
C GLU A 117 -6.71 11.88 8.66
N PRO A 118 -5.57 11.87 7.94
CA PRO A 118 -5.66 12.30 6.54
C PRO A 118 -6.76 11.55 5.77
N GLU A 119 -7.03 10.28 6.10
CA GLU A 119 -8.00 9.48 5.34
C GLU A 119 -9.42 9.94 5.60
N ILE A 120 -9.78 10.13 6.88
CA ILE A 120 -11.15 10.47 7.16
C ILE A 120 -11.38 11.93 6.82
N LYS A 121 -10.34 12.75 6.93
CA LYS A 121 -10.42 14.13 6.47
C LYS A 121 -10.68 14.22 4.96
N HIS A 122 -10.14 13.27 4.21
CA HIS A 122 -10.41 13.24 2.76
C HIS A 122 -11.82 12.76 2.42
N TYR A 123 -12.35 11.80 3.19
CA TYR A 123 -13.61 11.14 2.83
C TYR A 123 -14.85 11.65 3.55
N ILE A 124 -14.65 12.19 4.74
CA ILE A 124 -15.77 12.61 5.56
C ILE A 124 -15.30 13.69 6.56
N ASP A 125 -14.90 14.85 6.02
CA ASP A 125 -14.41 15.98 6.79
C ASP A 125 -15.49 16.59 7.71
N THR A 126 -16.75 16.19 7.55
CA THR A 126 -17.83 16.79 8.33
C THR A 126 -17.99 16.12 9.68
N ALA A 127 -17.28 15.01 9.86
CA ALA A 127 -17.38 14.27 11.10
C ALA A 127 -16.57 14.90 12.24
N LYS A 128 -17.05 14.76 13.46
CA LYS A 128 -16.23 15.12 14.61
C LYS A 128 -15.35 13.91 14.85
N THR A 129 -14.17 14.13 15.41
CA THR A 129 -13.25 13.04 15.67
C THR A 129 -12.95 12.93 17.16
N VAL A 130 -13.05 11.72 17.69
CA VAL A 130 -12.58 11.46 19.04
C VAL A 130 -11.30 10.62 18.97
N LEU A 131 -10.24 11.10 19.62
CA LEU A 131 -8.99 10.38 19.65
C LEU A 131 -8.98 9.39 20.80
N VAL A 132 -8.87 8.11 20.50
CA VAL A 132 -9.00 7.07 21.53
C VAL A 132 -7.73 6.25 21.79
N GLY A 133 -7.18 6.35 22.99
CA GLY A 133 -6.02 5.54 23.36
C GLY A 133 -6.44 4.22 23.98
N LEU A 134 -6.18 3.13 23.27
CA LEU A 134 -6.65 1.82 23.71
C LEU A 134 -5.58 1.03 24.46
N LYS A 135 -6.01 -0.06 25.11
CA LYS A 135 -5.14 -0.92 25.92
C LYS A 135 -4.34 -0.19 27.02
N VAL A 136 -4.96 0.76 27.73
CA VAL A 136 -4.21 1.48 28.76
C VAL A 136 -3.72 0.53 29.84
N ASP A 137 -4.44 -0.58 30.01
CA ASP A 137 -4.15 -1.53 31.07
C ASP A 137 -2.73 -2.04 30.91
N LEU A 138 -2.22 -2.00 29.68
CA LEU A 138 -0.91 -2.58 29.41
C LEU A 138 0.24 -1.57 29.47
N ARG A 139 -0.07 -0.30 29.73
CA ARG A 139 0.96 0.72 29.75
C ARG A 139 2.00 0.49 30.85
N LYS A 140 3.19 0.00 30.49
CA LYS A 140 4.32 -0.08 31.43
C LYS A 140 5.01 1.27 31.55
N ASP A 141 5.78 1.47 32.62
CA ASP A 141 6.54 2.71 32.75
C ASP A 141 8.06 2.49 32.73
N GLY A 142 8.76 3.52 32.26
CA GLY A 142 10.16 3.42 31.90
C GLY A 142 10.23 3.04 30.44
N SER A 143 9.05 2.83 29.87
CA SER A 143 8.92 2.34 28.52
C SER A 143 8.58 3.46 27.57
N ASP A 144 8.77 3.22 26.27
CA ASP A 144 8.54 4.26 25.26
C ASP A 144 7.06 4.42 24.88
N ASP A 145 6.16 3.89 25.70
CA ASP A 145 4.73 3.96 25.43
C ASP A 145 4.22 5.37 25.17
N VAL A 146 2.96 5.49 24.76
CA VAL A 146 2.36 6.80 24.54
C VAL A 146 1.76 7.30 25.84
N THR A 147 1.87 8.60 26.11
CA THR A 147 1.35 9.12 27.36
C THR A 147 0.06 9.92 27.20
N LYS A 148 -0.67 10.05 28.30
CA LYS A 148 -1.86 10.88 28.36
C LYS A 148 -1.51 12.30 27.89
N GLN A 149 -0.25 12.68 28.08
CA GLN A 149 0.21 13.99 27.64
C GLN A 149 0.28 14.05 26.12
N GLU A 150 0.88 13.02 25.53
CA GLU A 150 1.03 12.97 24.08
C GLU A 150 -0.32 12.91 23.35
N GLY A 151 -1.24 12.12 23.87
CA GLY A 151 -2.58 12.03 23.32
C GLY A 151 -3.36 13.32 23.44
N ASP A 152 -3.31 13.95 24.60
CA ASP A 152 -3.92 15.25 24.78
C ASP A 152 -3.36 16.26 23.79
N ASP A 153 -2.05 16.22 23.56
CA ASP A 153 -1.39 17.16 22.65
C ASP A 153 -1.87 16.88 21.22
N LEU A 154 -1.77 15.63 20.80
CA LEU A 154 -2.23 15.26 19.48
C LEU A 154 -3.67 15.72 19.29
N CYS A 155 -4.51 15.50 20.32
CA CYS A 155 -5.88 15.96 20.25
C CYS A 155 -5.93 17.43 19.85
N GLN A 156 -5.03 18.23 20.43
CA GLN A 156 -4.95 19.65 20.10
C GLN A 156 -4.53 19.93 18.65
N LYS A 157 -3.57 19.17 18.13
CA LYS A 157 -3.06 19.47 16.80
C LYS A 157 -4.07 19.03 15.78
N LEU A 158 -4.64 17.84 16.02
CA LEU A 158 -5.60 17.28 15.08
C LEU A 158 -6.99 17.91 15.12
N GLY A 159 -7.29 18.69 16.16
CA GLY A 159 -8.62 19.26 16.31
C GLY A 159 -9.71 18.24 16.63
N CYS A 160 -9.38 17.20 17.38
CA CYS A 160 -10.39 16.28 17.88
C CYS A 160 -11.17 16.94 19.01
N VAL A 161 -12.33 16.37 19.36
CA VAL A 161 -13.16 16.94 20.41
C VAL A 161 -12.57 16.62 21.78
N ALA A 162 -11.76 15.56 21.83
CA ALA A 162 -11.28 15.02 23.09
C ALA A 162 -10.34 13.83 22.88
N TYR A 163 -9.43 13.64 23.82
CA TYR A 163 -8.67 12.39 23.90
C TYR A 163 -9.11 11.56 25.11
N ILE A 164 -9.46 10.30 24.86
CA ILE A 164 -9.98 9.43 25.90
C ILE A 164 -9.28 8.08 25.90
N GLU A 165 -8.63 7.75 27.02
CA GLU A 165 -7.97 6.48 27.20
C GLU A 165 -8.98 5.40 27.63
N ALA A 166 -8.73 4.15 27.26
CA ALA A 166 -9.66 3.07 27.61
C ALA A 166 -9.03 1.69 27.63
N SER A 167 -9.63 0.79 28.40
CA SER A 167 -9.26 -0.62 28.34
C SER A 167 -10.49 -1.53 28.24
N SER A 168 -10.53 -2.34 27.20
CA SER A 168 -11.59 -3.31 27.05
C SER A 168 -11.40 -4.43 28.08
N VAL A 169 -10.16 -4.60 28.55
CA VAL A 169 -9.84 -5.69 29.48
C VAL A 169 -10.10 -5.33 30.95
N ALA A 170 -9.81 -4.09 31.33
CA ALA A 170 -10.05 -3.65 32.69
C ALA A 170 -11.32 -2.81 32.78
N LYS A 171 -12.06 -2.72 31.68
CA LYS A 171 -13.32 -1.98 31.62
C LYS A 171 -13.14 -0.56 32.18
N ILE A 172 -12.45 0.27 31.41
CA ILE A 172 -12.14 1.66 31.75
C ILE A 172 -12.51 2.50 30.53
N GLY A 173 -12.94 3.73 30.76
CA GLY A 173 -13.24 4.67 29.69
C GLY A 173 -14.26 4.25 28.65
N LEU A 174 -14.70 2.99 28.69
CA LEU A 174 -15.64 2.52 27.67
C LEU A 174 -16.80 3.48 27.49
N ASN A 175 -17.68 3.55 28.50
CA ASN A 175 -18.82 4.46 28.42
C ASN A 175 -18.35 5.88 28.12
N GLU A 176 -17.29 6.32 28.79
CA GLU A 176 -16.76 7.65 28.56
C GLU A 176 -16.62 7.95 27.08
N VAL A 177 -15.89 7.08 26.37
CA VAL A 177 -15.68 7.20 24.92
C VAL A 177 -16.97 7.44 24.10
N PHE A 178 -18.03 6.72 24.44
CA PHE A 178 -19.25 6.79 23.66
C PHE A 178 -20.23 7.84 24.16
N GLU A 179 -20.08 8.21 25.43
CA GLU A 179 -20.85 9.33 25.97
C GLU A 179 -20.40 10.61 25.26
N LYS A 180 -19.09 10.74 25.04
CA LYS A 180 -18.52 11.89 24.35
C LYS A 180 -19.00 11.97 22.90
N SER A 181 -19.12 10.84 22.23
CA SER A 181 -19.55 10.85 20.85
C SER A 181 -20.93 11.45 20.74
N VAL A 182 -21.71 11.29 21.80
CA VAL A 182 -23.06 11.81 21.85
C VAL A 182 -23.05 13.29 22.22
N ASP A 183 -22.28 13.62 23.26
CA ASP A 183 -22.10 15.00 23.70
C ASP A 183 -21.75 15.93 22.55
N CYS A 184 -20.66 15.65 21.85
CA CYS A 184 -20.26 16.50 20.72
C CYS A 184 -21.35 16.60 19.64
N ILE A 185 -22.46 15.91 19.84
CA ILE A 185 -23.63 16.06 18.99
C ILE A 185 -24.83 16.61 19.78
N PHE A 186 -24.66 16.69 21.10
CA PHE A 186 -25.55 17.40 22.05
C PHE A 186 -25.19 17.08 23.53
N GLU B 8 -32.67 -8.97 -3.54
CA GLU B 8 -32.25 -8.81 -2.16
C GLU B 8 -32.07 -10.18 -1.50
N VAL B 9 -31.62 -11.14 -2.30
CA VAL B 9 -31.22 -12.47 -1.81
C VAL B 9 -30.11 -13.03 -2.72
N VAL B 10 -30.00 -12.42 -3.90
CA VAL B 10 -29.29 -12.95 -5.08
C VAL B 10 -28.11 -13.92 -4.89
N GLN B 11 -26.93 -13.45 -4.45
CA GLN B 11 -26.60 -12.05 -4.16
C GLN B 11 -25.32 -11.69 -4.88
N GLN B 12 -25.26 -11.94 -6.19
CA GLN B 12 -24.04 -11.76 -6.95
C GLN B 12 -23.71 -10.30 -7.22
N LYS B 13 -24.67 -9.42 -6.94
CA LYS B 13 -24.48 -7.99 -7.19
C LYS B 13 -23.32 -7.41 -6.38
N PHE B 14 -22.63 -8.29 -5.65
CA PHE B 14 -21.52 -7.89 -4.80
C PHE B 14 -20.18 -8.21 -5.48
N ALA B 15 -20.15 -9.28 -6.27
CA ALA B 15 -18.90 -9.69 -6.92
C ALA B 15 -18.29 -8.53 -7.70
N ILE B 16 -19.11 -7.50 -7.95
CA ILE B 16 -18.65 -6.28 -8.60
C ILE B 16 -17.84 -5.47 -7.61
N VAL B 17 -18.42 -5.22 -6.44
CA VAL B 17 -17.74 -4.51 -5.38
C VAL B 17 -16.48 -5.28 -4.98
N ALA B 18 -16.57 -6.60 -5.01
CA ALA B 18 -15.48 -7.47 -4.58
C ALA B 18 -14.22 -7.28 -5.41
N LYS B 19 -14.32 -7.41 -6.72
CA LYS B 19 -13.14 -7.32 -7.56
C LYS B 19 -12.72 -5.86 -7.73
N GLU B 20 -13.66 -4.96 -7.45
CA GLU B 20 -13.41 -3.54 -7.53
C GLU B 20 -12.59 -3.06 -6.35
N MSE B 21 -12.68 -3.79 -5.24
CA MSE B 21 -11.95 -3.42 -4.04
C MSE B 21 -10.82 -4.41 -3.76
O MSE B 21 -10.12 -4.29 -2.77
CB MSE B 21 -12.89 -3.30 -2.85
CG MSE B 21 -14.28 -2.76 -3.21
SE MSE B 21 -14.62 -0.82 -3.29
CE MSE B 21 -13.20 -0.30 -4.50
N LYS B 22 -10.64 -5.38 -4.64
CA LYS B 22 -9.58 -6.35 -4.46
C LYS B 22 -9.79 -7.15 -3.19
N ILE B 23 -10.87 -7.92 -3.17
CA ILE B 23 -11.22 -8.82 -2.08
C ILE B 23 -11.26 -10.27 -2.57
N ASP B 24 -10.28 -11.06 -2.16
CA ASP B 24 -10.16 -12.43 -2.65
C ASP B 24 -11.16 -13.40 -2.04
N ASN B 25 -11.60 -13.11 -0.82
CA ASN B 25 -12.50 -14.02 -0.12
C ASN B 25 -13.71 -13.32 0.46
N PRO B 26 -14.76 -13.13 -0.36
CA PRO B 26 -16.02 -12.51 0.10
C PRO B 26 -16.85 -13.48 0.95
N GLU B 27 -16.44 -14.74 1.00
CA GLU B 27 -17.12 -15.73 1.82
C GLU B 27 -16.97 -15.40 3.32
N LEU B 28 -16.15 -14.40 3.62
CA LEU B 28 -15.91 -14.01 5.01
C LEU B 28 -16.86 -12.89 5.41
N ILE B 29 -17.75 -12.52 4.50
CA ILE B 29 -18.71 -11.47 4.75
C ILE B 29 -20.12 -12.04 4.85
N THR B 30 -20.80 -11.75 5.96
CA THR B 30 -22.17 -12.17 6.14
C THR B 30 -23.07 -11.56 5.07
N ILE B 31 -23.79 -12.41 4.36
CA ILE B 31 -24.70 -11.97 3.30
C ILE B 31 -25.35 -10.62 3.63
N PRO B 32 -25.95 -10.50 4.82
CA PRO B 32 -26.59 -9.22 5.16
C PRO B 32 -25.63 -8.04 5.08
N ASN B 33 -24.37 -8.23 5.47
CA ASN B 33 -23.36 -7.17 5.39
C ASN B 33 -23.02 -6.74 3.95
N GLN B 34 -22.87 -7.71 3.05
CA GLN B 34 -22.48 -7.36 1.70
C GLN B 34 -23.64 -6.80 0.89
N TRP B 35 -24.83 -6.75 1.49
CA TRP B 35 -25.91 -5.97 0.93
C TRP B 35 -25.76 -4.53 1.38
N LYS B 36 -25.46 -4.36 2.66
CA LYS B 36 -25.15 -3.05 3.21
C LYS B 36 -24.03 -2.42 2.38
N LEU B 37 -22.96 -3.17 2.19
CA LEU B 37 -21.81 -2.70 1.40
C LEU B 37 -22.19 -2.36 -0.06
N VAL B 38 -23.11 -3.12 -0.65
CA VAL B 38 -23.54 -2.80 -2.01
C VAL B 38 -24.24 -1.45 -2.06
N GLN B 39 -25.17 -1.22 -1.14
CA GLN B 39 -25.88 0.06 -1.07
C GLN B 39 -24.91 1.21 -0.86
N GLU B 40 -23.84 0.96 -0.12
CA GLU B 40 -22.84 1.99 0.15
C GLU B 40 -21.98 2.23 -1.08
N TYR B 41 -21.57 1.15 -1.75
CA TYR B 41 -20.88 1.27 -3.02
C TYR B 41 -21.68 2.14 -3.98
N GLU B 42 -22.92 1.74 -4.27
CA GLU B 42 -23.77 2.52 -5.15
C GLU B 42 -23.90 3.97 -4.66
N LYS B 43 -24.05 4.14 -3.34
CA LYS B 43 -24.24 5.47 -2.77
C LYS B 43 -23.04 6.36 -3.02
N LYS B 44 -21.85 5.78 -2.97
CA LYS B 44 -20.61 6.52 -3.13
C LYS B 44 -20.37 6.86 -4.58
N GLN B 45 -20.71 5.94 -5.48
CA GLN B 45 -20.59 6.25 -6.90
C GLN B 45 -21.39 7.51 -7.19
N LYS B 46 -22.55 7.63 -6.56
CA LYS B 46 -23.39 8.80 -6.74
C LYS B 46 -22.79 10.02 -6.03
N LYS B 47 -22.18 9.79 -4.88
CA LYS B 47 -21.58 10.88 -4.10
C LYS B 47 -20.44 11.51 -4.86
N ASP B 48 -19.48 10.67 -5.26
CA ASP B 48 -18.33 11.12 -6.03
C ASP B 48 -18.78 12.01 -7.18
N ILE B 49 -19.80 11.55 -7.89
CA ILE B 49 -20.33 12.33 -9.01
C ILE B 49 -20.68 13.75 -8.58
N ARG B 50 -21.40 13.88 -7.46
CA ARG B 50 -21.90 15.19 -7.04
C ARG B 50 -20.75 16.13 -6.65
N ILE B 51 -19.73 15.59 -6.00
CA ILE B 51 -18.61 16.40 -5.53
C ILE B 51 -17.83 17.03 -6.69
N GLN B 52 -17.62 16.24 -7.75
CA GLN B 52 -16.87 16.69 -8.92
C GLN B 52 -17.57 17.83 -9.66
N LEU B 53 -18.84 17.63 -9.99
CA LEU B 53 -19.60 18.64 -10.72
C LEU B 53 -19.72 19.90 -9.90
N ASN B 54 -19.47 19.77 -8.60
CA ASN B 54 -19.62 20.87 -7.65
C ASN B 54 -18.32 21.60 -7.38
N ALA B 55 -17.25 20.85 -7.16
CA ALA B 55 -15.95 21.42 -6.83
C ALA B 55 -15.31 22.17 -8.00
N GLN B 56 -16.02 22.22 -9.12
CA GLN B 56 -15.53 22.96 -10.28
C GLN B 56 -15.54 24.45 -9.99
N LYS B 57 -16.18 24.82 -8.88
CA LYS B 57 -16.36 26.23 -8.54
C LYS B 57 -16.03 26.55 -7.09
N THR B 58 -16.00 25.53 -6.24
CA THR B 58 -15.88 25.75 -4.80
C THR B 58 -14.62 26.51 -4.35
N GLY B 59 -13.43 26.08 -4.79
CA GLY B 59 -13.26 24.91 -5.63
C GLY B 59 -12.23 24.03 -4.97
N ASN B 60 -12.68 23.10 -4.13
CA ASN B 60 -11.78 22.20 -3.44
C ASN B 60 -11.21 21.14 -4.39
N TRP B 61 -10.08 21.47 -4.99
CA TRP B 61 -9.39 20.53 -5.84
C TRP B 61 -9.25 19.17 -5.17
N ARG B 62 -9.25 19.12 -3.85
CA ARG B 62 -9.12 17.84 -3.17
C ARG B 62 -10.24 16.87 -3.53
N ASN B 63 -11.41 17.42 -3.84
CA ASN B 63 -12.56 16.61 -4.21
C ASN B 63 -12.69 16.47 -5.71
N ALA B 64 -12.12 17.42 -6.45
CA ALA B 64 -12.17 17.38 -7.90
C ALA B 64 -11.23 16.32 -8.46
N ILE B 65 -10.19 15.98 -7.72
CA ILE B 65 -9.24 14.97 -8.18
C ILE B 65 -9.72 13.56 -7.86
N THR B 66 -10.97 13.44 -7.40
CA THR B 66 -11.60 12.14 -7.28
C THR B 66 -12.14 11.73 -8.64
N ASP B 67 -11.88 12.57 -9.65
CA ASP B 67 -12.01 12.18 -11.05
C ASP B 67 -10.62 11.74 -11.51
N PRO B 68 -10.49 10.49 -11.94
CA PRO B 68 -9.13 10.06 -12.30
C PRO B 68 -8.60 10.85 -13.50
N LYS B 69 -9.46 11.13 -14.49
CA LYS B 69 -9.02 11.91 -15.64
C LYS B 69 -8.52 13.29 -15.22
N TYR B 70 -9.24 13.92 -14.30
CA TYR B 70 -8.89 15.26 -13.86
C TYR B 70 -7.55 15.26 -13.16
N LEU B 71 -7.31 14.21 -12.37
CA LEU B 71 -6.07 14.10 -11.62
C LEU B 71 -4.91 14.01 -12.58
N ALA B 72 -5.02 13.12 -13.54
CA ALA B 72 -4.03 12.96 -14.60
C ALA B 72 -3.63 14.28 -15.27
N ASP B 73 -4.62 15.03 -15.74
CA ASP B 73 -4.36 16.31 -16.39
C ASP B 73 -3.69 17.36 -15.51
N LEU B 74 -3.94 17.30 -14.20
CA LEU B 74 -3.46 18.31 -13.29
C LEU B 74 -1.96 18.19 -13.07
N LEU B 75 -1.46 16.95 -13.12
CA LEU B 75 -0.05 16.68 -12.90
C LEU B 75 0.84 17.31 -13.98
N LYS B 76 0.24 17.74 -15.08
CA LYS B 76 0.99 18.41 -16.14
C LYS B 76 1.40 19.78 -15.65
N THR B 77 0.86 20.19 -14.51
CA THR B 77 1.01 21.57 -14.04
C THR B 77 1.40 21.70 -12.57
N ARG B 78 1.02 20.72 -11.76
CA ARG B 78 1.24 20.75 -10.30
C ARG B 78 2.10 19.57 -9.81
N ASP B 79 3.09 19.85 -8.98
CA ASP B 79 3.99 18.81 -8.45
C ASP B 79 4.37 19.04 -6.98
N ASP B 80 3.38 19.31 -6.14
CA ASP B 80 3.67 19.78 -4.79
C ASP B 80 3.21 18.86 -3.67
N MSE B 81 3.87 18.98 -2.52
CA MSE B 81 3.63 18.10 -1.38
C MSE B 81 2.17 17.86 -1.10
O MSE B 81 1.77 16.73 -0.89
CB MSE B 81 4.33 18.66 -0.13
CG MSE B 81 5.67 17.99 0.12
SE MSE B 81 5.48 16.05 0.16
CE MSE B 81 5.00 15.85 2.05
N ASP B 82 1.39 18.92 -1.06
CA ASP B 82 -0.05 18.81 -0.84
C ASP B 82 -0.71 17.83 -1.79
N LEU B 83 -0.49 18.05 -3.09
CA LEU B 83 -1.02 17.18 -4.12
C LEU B 83 -0.47 15.77 -3.93
N LEU B 84 0.84 15.65 -3.71
CA LEU B 84 1.44 14.34 -3.45
C LEU B 84 0.82 13.63 -2.24
N ASN B 85 0.56 14.35 -1.16
CA ASN B 85 -0.04 13.72 0.02
C ASN B 85 -1.44 13.24 -0.25
N GLU B 86 -2.18 14.02 -1.03
CA GLU B 86 -3.57 13.70 -1.29
C GLU B 86 -3.62 12.46 -2.16
N MSE B 87 -2.64 12.37 -3.07
CA MSE B 87 -2.57 11.24 -4.00
C MSE B 87 -2.26 9.94 -3.29
O MSE B 87 -2.68 8.87 -3.71
CB MSE B 87 -1.52 11.51 -5.06
CG MSE B 87 -1.97 12.54 -6.08
SE MSE B 87 -0.83 12.52 -7.65
CE MSE B 87 0.58 13.70 -7.04
N VAL B 88 -1.53 10.03 -2.17
CA VAL B 88 -1.27 8.86 -1.37
C VAL B 88 -2.60 8.31 -0.88
N VAL B 89 -3.40 9.17 -0.26
CA VAL B 89 -4.73 8.77 0.20
C VAL B 89 -5.53 8.18 -0.96
N VAL B 90 -5.62 8.92 -2.06
CA VAL B 90 -6.48 8.51 -3.15
C VAL B 90 -6.10 7.14 -3.74
N PHE B 91 -4.85 6.98 -4.16
CA PHE B 91 -4.42 5.72 -4.80
C PHE B 91 -4.41 4.50 -3.90
N ARG B 92 -4.11 4.70 -2.62
CA ARG B 92 -4.11 3.62 -1.65
C ARG B 92 -5.50 3.05 -1.40
N SER B 93 -6.53 3.89 -1.54
CA SER B 93 -7.84 3.52 -0.98
C SER B 93 -8.95 3.59 -2.01
N SER B 94 -8.60 3.93 -3.24
CA SER B 94 -9.57 3.98 -4.29
C SER B 94 -9.82 2.59 -4.82
N SER B 95 -10.64 2.57 -5.86
CA SER B 95 -11.06 1.34 -6.51
C SER B 95 -10.13 1.02 -7.68
N VAL B 96 -9.97 -0.27 -7.96
CA VAL B 96 -9.29 -0.74 -9.16
C VAL B 96 -9.53 0.18 -10.37
N SER B 97 -10.80 0.31 -10.75
CA SER B 97 -11.13 1.04 -11.95
C SER B 97 -10.75 2.51 -11.87
N PHE B 98 -10.54 3.06 -10.69
CA PHE B 98 -10.14 4.45 -10.70
C PHE B 98 -8.71 4.60 -11.24
N ILE B 99 -7.83 3.68 -10.86
CA ILE B 99 -6.48 3.67 -11.40
C ILE B 99 -6.46 3.28 -12.87
N LYS B 100 -7.21 2.25 -13.25
CA LYS B 100 -7.26 1.88 -14.65
C LYS B 100 -7.55 3.13 -15.49
N THR B 101 -8.46 3.97 -15.01
CA THR B 101 -8.83 5.15 -15.80
C THR B 101 -7.70 6.20 -15.86
N PHE B 102 -7.18 6.57 -14.70
CA PHE B 102 -6.00 7.41 -14.56
C PHE B 102 -4.90 7.02 -15.56
N VAL B 103 -4.46 5.77 -15.49
CA VAL B 103 -3.40 5.25 -16.32
C VAL B 103 -3.82 5.33 -17.79
N SER B 104 -5.07 5.00 -18.07
CA SER B 104 -5.53 4.91 -19.45
C SER B 104 -5.49 6.27 -20.15
N VAL B 105 -5.31 7.33 -19.38
CA VAL B 105 -5.41 8.67 -19.92
C VAL B 105 -4.08 9.45 -19.78
N GLY B 106 -2.98 8.71 -19.67
CA GLY B 106 -1.67 9.29 -19.49
C GLY B 106 -1.24 8.96 -18.09
N GLY B 107 -1.28 9.95 -17.21
CA GLY B 107 -1.36 9.68 -15.79
C GLY B 107 -0.06 9.21 -15.20
N LEU B 108 0.36 8.01 -15.60
CA LEU B 108 1.62 7.44 -15.14
C LEU B 108 2.81 8.21 -15.73
N ALA B 109 2.76 8.48 -17.02
CA ALA B 109 3.87 9.19 -17.65
C ALA B 109 4.02 10.56 -17.02
N ASN B 110 2.90 11.07 -16.52
CA ASN B 110 2.87 12.39 -15.90
C ASN B 110 3.46 12.39 -14.50
N LEU B 111 3.18 11.30 -13.80
CA LEU B 111 3.66 11.10 -12.44
C LEU B 111 5.14 10.77 -12.49
N MSE B 112 5.54 10.02 -13.52
CA MSE B 112 6.95 9.64 -13.71
C MSE B 112 7.85 10.85 -13.95
O MSE B 112 8.97 10.90 -13.48
CB MSE B 112 7.08 8.66 -14.88
CG MSE B 112 6.50 7.30 -14.55
SE MSE B 112 7.60 6.26 -13.31
CE MSE B 112 8.93 5.61 -14.59
N ALA B 113 7.32 11.82 -14.69
CA ALA B 113 8.02 13.04 -15.00
C ALA B 113 8.28 13.82 -13.70
N ILE B 114 7.26 13.85 -12.85
CA ILE B 114 7.37 14.53 -11.57
C ILE B 114 8.41 13.81 -10.75
N TYR B 115 8.39 12.49 -10.82
CA TYR B 115 9.32 11.68 -10.07
C TYR B 115 10.77 11.94 -10.51
N LYS B 116 10.98 12.13 -11.81
CA LYS B 116 12.31 12.48 -12.29
C LYS B 116 12.75 13.79 -11.65
N LYS B 117 11.91 14.82 -11.76
CA LYS B 117 12.19 16.11 -11.17
C LYS B 117 12.59 15.96 -9.71
N LYS B 118 11.92 15.05 -8.99
CA LYS B 118 12.14 14.92 -7.57
C LYS B 118 13.47 14.24 -7.31
N ILE B 119 13.68 13.11 -7.98
CA ILE B 119 14.94 12.39 -7.93
C ILE B 119 16.18 13.27 -8.14
N GLU B 120 16.08 14.25 -9.04
CA GLU B 120 17.25 15.02 -9.42
C GLU B 120 17.36 16.34 -8.69
N ALA B 121 16.32 16.71 -7.96
CA ALA B 121 16.29 18.01 -7.31
C ALA B 121 17.51 18.25 -6.40
N GLU B 122 17.92 19.50 -6.27
CA GLU B 122 19.01 19.80 -5.37
C GLU B 122 18.59 19.49 -3.94
N ASN B 123 19.55 19.02 -3.17
CA ASN B 123 19.35 18.68 -1.77
C ASN B 123 18.68 19.77 -0.96
N SER B 124 17.75 19.36 -0.11
CA SER B 124 17.20 20.24 0.91
C SER B 124 16.50 19.34 1.91
N ASN B 125 15.78 19.93 2.86
CA ASN B 125 15.03 19.13 3.81
C ASN B 125 13.81 18.53 3.12
N THR B 126 13.12 19.37 2.37
CA THR B 126 11.92 18.94 1.69
C THR B 126 12.22 17.97 0.56
N ALA B 127 13.50 17.79 0.22
CA ALA B 127 13.87 16.98 -0.94
C ALA B 127 13.68 15.48 -0.73
N ILE B 128 14.18 14.97 0.39
CA ILE B 128 14.05 13.54 0.74
C ILE B 128 12.58 13.11 0.81
N ASP B 129 11.79 13.94 1.48
CA ASP B 129 10.35 13.72 1.64
C ASP B 129 9.60 13.80 0.32
N GLU B 130 9.85 14.86 -0.45
CA GLU B 130 9.20 14.96 -1.73
C GLU B 130 9.50 13.72 -2.58
N GLU B 131 10.75 13.26 -2.58
CA GLU B 131 11.09 12.09 -3.38
C GLU B 131 10.36 10.86 -2.86
N ARG B 132 10.43 10.65 -1.56
CA ARG B 132 9.79 9.51 -0.92
C ARG B 132 8.27 9.42 -1.10
N LYS B 133 7.55 10.55 -1.05
CA LYS B 133 6.11 10.52 -1.33
C LYS B 133 5.88 9.95 -2.73
N CYS B 134 6.69 10.41 -3.68
CA CYS B 134 6.67 9.87 -5.04
C CYS B 134 6.70 8.34 -5.06
N CYS B 135 7.65 7.75 -4.34
CA CYS B 135 7.77 6.31 -4.31
C CYS B 135 6.51 5.73 -3.76
N GLU B 136 5.98 6.42 -2.74
CA GLU B 136 4.81 5.97 -2.01
C GLU B 136 3.62 5.97 -2.96
N VAL B 137 3.49 7.04 -3.74
CA VAL B 137 2.39 7.16 -4.69
C VAL B 137 2.52 6.14 -5.83
N LEU B 138 3.74 5.99 -6.36
CA LEU B 138 3.98 5.03 -7.44
C LEU B 138 3.64 3.62 -6.98
N ARG B 139 4.01 3.32 -5.74
CA ARG B 139 3.77 2.01 -5.16
C ARG B 139 2.29 1.65 -5.17
N TYR B 140 1.41 2.67 -5.16
CA TYR B 140 -0.02 2.42 -5.30
C TYR B 140 -0.49 2.31 -6.75
N VAL B 141 0.01 3.14 -7.67
CA VAL B 141 -0.36 2.95 -9.08
C VAL B 141 0.04 1.56 -9.61
N PHE B 142 1.22 1.08 -9.23
CA PHE B 142 1.76 -0.20 -9.74
C PHE B 142 1.08 -1.50 -9.26
N ALA B 143 0.05 -1.32 -8.44
CA ALA B 143 -0.68 -2.43 -7.87
C ALA B 143 -1.72 -2.80 -8.87
N GLU B 144 -1.81 -1.96 -9.91
CA GLU B 144 -2.69 -2.12 -11.08
C GLU B 144 -1.90 -2.59 -12.31
N GLU B 145 -2.35 -3.66 -12.96
CA GLU B 145 -1.57 -4.23 -14.04
C GLU B 145 -1.44 -3.24 -15.21
N ASP B 146 -2.55 -2.61 -15.58
CA ASP B 146 -2.52 -1.61 -16.66
C ASP B 146 -1.39 -0.60 -16.49
N ALA B 147 -0.89 -0.47 -15.27
CA ALA B 147 0.13 0.55 -15.00
C ALA B 147 1.50 0.05 -15.45
N THR B 148 1.73 -1.23 -15.25
CA THR B 148 2.95 -1.88 -15.69
C THR B 148 3.00 -1.95 -17.23
N VAL B 149 1.84 -2.18 -17.84
CA VAL B 149 1.70 -2.12 -19.29
C VAL B 149 2.06 -0.74 -19.81
N ALA B 150 1.64 0.28 -19.08
CA ALA B 150 1.86 1.65 -19.50
C ALA B 150 3.33 2.00 -19.39
N LEU B 151 3.95 1.52 -18.30
CA LEU B 151 5.36 1.76 -18.00
C LEU B 151 6.31 1.29 -19.11
N ILE B 152 6.04 0.10 -19.63
CA ILE B 152 6.81 -0.50 -20.71
C ILE B 152 6.89 0.40 -21.96
N GLU B 153 5.83 1.16 -22.16
CA GLU B 153 5.71 2.03 -23.32
C GLU B 153 6.18 3.47 -23.09
N ILE B 154 6.64 3.78 -21.87
CA ILE B 154 7.21 5.10 -21.59
C ILE B 154 8.72 5.06 -21.81
N ASP B 155 9.23 5.89 -22.71
CA ASP B 155 10.67 5.91 -22.98
C ASP B 155 11.47 6.30 -21.73
N GLY B 156 12.28 5.39 -21.19
CA GLY B 156 13.10 5.72 -20.03
C GLY B 156 12.38 5.54 -18.70
N GLY B 157 11.32 4.76 -18.74
CA GLY B 157 10.53 4.50 -17.57
C GLY B 157 11.21 3.55 -16.62
N VAL B 158 11.55 2.38 -17.15
CA VAL B 158 12.23 1.40 -16.35
C VAL B 158 13.61 1.90 -15.94
N GLU B 159 14.30 2.59 -16.86
CA GLU B 159 15.59 3.18 -16.54
C GLU B 159 15.44 4.12 -15.33
N LEU B 160 14.41 4.96 -15.39
CA LEU B 160 14.16 5.90 -14.31
C LEU B 160 13.91 5.17 -12.99
N LEU B 161 13.16 4.07 -13.04
CA LEU B 161 12.97 3.29 -11.82
C LEU B 161 14.30 2.76 -11.30
N LEU B 162 15.17 2.33 -12.20
CA LEU B 162 16.46 1.79 -11.81
C LEU B 162 17.30 2.85 -11.14
N LYS B 163 17.21 4.08 -11.65
CA LYS B 163 17.98 5.18 -11.11
C LYS B 163 17.41 5.55 -9.74
N GLY B 164 16.09 5.69 -9.72
CA GLY B 164 15.37 5.96 -8.51
C GLY B 164 15.66 4.97 -7.42
N MSE B 165 15.85 3.71 -7.81
CA MSE B 165 16.17 2.65 -6.87
C MSE B 165 17.55 2.81 -6.26
O MSE B 165 17.81 2.29 -5.18
CB MSE B 165 16.04 1.28 -7.50
CG MSE B 165 16.36 0.14 -6.55
SE MSE B 165 15.90 -1.63 -7.20
CE MSE B 165 16.99 -1.67 -8.82
N ASN B 166 18.45 3.51 -6.96
CA ASN B 166 19.81 3.71 -6.46
C ASN B 166 20.00 5.00 -5.69
N SER B 167 18.93 5.78 -5.57
CA SER B 167 18.94 6.98 -4.75
C SER B 167 19.33 6.68 -3.30
N LYS B 168 20.21 7.52 -2.76
CA LYS B 168 20.62 7.43 -1.39
C LYS B 168 19.62 8.16 -0.53
N ARG B 169 18.59 8.70 -1.16
CA ARG B 169 17.59 9.48 -0.45
C ARG B 169 16.38 8.65 -0.02
N ILE B 170 16.31 7.40 -0.49
CA ILE B 170 15.16 6.56 -0.18
C ILE B 170 15.46 5.45 0.83
N THR B 171 14.39 4.80 1.27
CA THR B 171 14.49 3.78 2.30
C THR B 171 14.49 2.40 1.68
N PRO B 172 15.16 1.45 2.35
CA PRO B 172 15.12 0.02 2.05
C PRO B 172 13.75 -0.47 1.59
N ASP B 173 12.69 0.14 2.13
CA ASP B 173 11.34 -0.25 1.71
C ASP B 173 10.96 0.35 0.36
N ASN B 174 11.38 1.60 0.13
CA ASN B 174 11.21 2.22 -1.16
C ASN B 174 11.90 1.37 -2.22
N GLN B 175 13.09 0.87 -1.86
CA GLN B 175 13.94 0.20 -2.82
C GLN B 175 13.30 -1.13 -3.20
N LEU B 176 12.64 -1.73 -2.22
CA LEU B 176 11.93 -2.97 -2.41
C LEU B 176 10.75 -2.78 -3.38
N ASP B 177 10.01 -1.69 -3.21
CA ASP B 177 8.77 -1.50 -3.96
C ASP B 177 9.11 -1.31 -5.42
N ILE B 178 10.22 -0.63 -5.66
CA ILE B 178 10.67 -0.39 -7.01
C ILE B 178 11.13 -1.70 -7.63
N LEU B 179 11.85 -2.49 -6.84
CA LEU B 179 12.37 -3.75 -7.35
C LEU B 179 11.21 -4.65 -7.76
N LEU B 180 10.20 -4.72 -6.90
CA LEU B 180 9.02 -5.53 -7.16
C LEU B 180 8.33 -5.09 -8.45
N GLU B 181 8.35 -3.79 -8.71
CA GLU B 181 7.80 -3.28 -9.94
C GLU B 181 8.67 -3.64 -11.18
N ILE B 182 9.99 -3.46 -11.07
CA ILE B 182 10.90 -3.94 -12.11
C ILE B 182 10.70 -5.45 -12.39
N THR B 183 10.52 -6.26 -11.35
CA THR B 183 10.50 -7.70 -11.53
C THR B 183 9.24 -8.11 -12.27
N LEU B 184 8.13 -7.53 -11.84
CA LEU B 184 6.85 -7.68 -12.54
C LEU B 184 7.01 -7.31 -14.01
N THR B 185 7.71 -6.21 -14.28
CA THR B 185 7.90 -5.82 -15.66
C THR B 185 8.67 -6.88 -16.44
N SER B 186 9.80 -7.32 -15.89
CA SER B 186 10.67 -8.31 -16.51
C SER B 186 9.99 -9.63 -16.92
N SER B 187 8.85 -9.92 -16.31
CA SER B 187 8.17 -11.20 -16.51
C SER B 187 6.98 -11.00 -17.45
N MSE B 188 6.66 -9.75 -17.71
CA MSE B 188 5.51 -9.43 -18.55
C MSE B 188 5.89 -9.37 -20.01
O MSE B 188 5.90 -8.31 -20.63
CB MSE B 188 4.88 -8.12 -18.09
CG MSE B 188 3.49 -7.91 -18.59
SE MSE B 188 2.56 -6.44 -17.72
CE MSE B 188 3.32 -4.97 -18.73
N VAL B 189 6.22 -10.53 -20.57
CA VAL B 189 6.42 -10.66 -22.00
C VAL B 189 5.11 -10.43 -22.74
N GLU B 190 4.08 -11.18 -22.38
CA GLU B 190 2.79 -10.96 -23.01
C GLU B 190 1.83 -10.18 -22.09
N HIS B 191 0.98 -9.36 -22.69
CA HIS B 191 -0.12 -8.74 -21.96
C HIS B 191 -0.84 -9.79 -21.10
N PRO B 192 -0.92 -9.53 -19.79
CA PRO B 192 -1.59 -10.46 -18.86
C PRO B 192 -3.09 -10.68 -19.15
N SER B 193 -3.80 -9.66 -19.63
CA SER B 193 -5.24 -9.84 -19.90
C SER B 193 -5.66 -9.74 -21.38
N GLN B 194 -4.72 -10.02 -22.28
CA GLN B 194 -5.00 -10.07 -23.72
C GLN B 194 -4.23 -11.20 -24.41
N GLU B 195 -4.98 -12.08 -25.07
CA GLU B 195 -4.45 -13.34 -25.58
C GLU B 195 -3.09 -13.25 -26.29
N GLY B 196 -3.07 -12.69 -27.49
CA GLY B 196 -1.83 -12.64 -28.25
C GLY B 196 -1.31 -11.26 -28.53
N LEU B 197 -0.91 -10.55 -27.48
CA LEU B 197 -0.39 -9.21 -27.63
C LEU B 197 0.98 -9.13 -26.98
N TYR B 198 2.04 -9.03 -27.77
CA TYR B 198 3.39 -8.94 -27.24
C TYR B 198 3.66 -7.59 -26.62
N LEU B 199 4.38 -7.59 -25.52
CA LEU B 199 4.72 -6.36 -24.83
C LEU B 199 6.22 -6.27 -24.61
N GLY B 200 6.94 -7.39 -24.65
CA GLY B 200 8.38 -7.36 -24.32
C GLY B 200 8.96 -6.53 -23.16
N GLY B 201 8.38 -6.66 -21.96
CA GLY B 201 8.89 -6.07 -20.72
C GLY B 201 10.26 -6.60 -20.31
N ASP B 202 10.41 -7.92 -20.49
CA ASP B 202 11.69 -8.61 -20.41
C ASP B 202 12.80 -7.90 -21.18
N VAL B 203 12.50 -7.52 -22.44
CA VAL B 203 13.46 -6.80 -23.29
C VAL B 203 13.57 -5.34 -22.82
N CYS B 204 12.44 -4.78 -22.43
CA CYS B 204 12.40 -3.47 -21.82
C CYS B 204 13.42 -3.33 -20.66
N VAL B 205 13.33 -4.25 -19.68
CA VAL B 205 14.21 -4.22 -18.51
C VAL B 205 15.66 -4.50 -18.92
N MSE B 206 15.86 -5.56 -19.71
CA MSE B 206 17.19 -5.83 -20.21
C MSE B 206 17.83 -4.58 -20.81
O MSE B 206 18.99 -4.31 -20.53
CB MSE B 206 17.18 -6.97 -21.25
CG MSE B 206 17.48 -8.32 -20.63
SE MSE B 206 19.31 -8.41 -19.95
CE MSE B 206 20.24 -8.40 -21.66
N ASN B 207 17.09 -3.85 -21.63
CA ASN B 207 17.64 -2.66 -22.25
C ASN B 207 17.95 -1.59 -21.22
N ALA B 208 17.09 -1.50 -20.20
CA ALA B 208 17.34 -0.47 -19.20
C ALA B 208 18.65 -0.74 -18.45
N PHE B 209 18.98 -2.01 -18.24
CA PHE B 209 20.22 -2.38 -17.60
C PHE B 209 21.41 -2.12 -18.51
N SER B 210 21.20 -2.26 -19.82
CA SER B 210 22.24 -1.98 -20.79
C SER B 210 22.45 -0.49 -20.91
N ASN B 211 21.37 0.25 -20.70
CA ASN B 211 21.46 1.70 -20.79
C ASN B 211 22.16 2.34 -19.61
N LEU B 212 22.06 1.73 -18.43
CA LEU B 212 22.80 2.22 -17.30
C LEU B 212 24.29 2.06 -17.56
N VAL B 213 24.66 0.99 -18.24
CA VAL B 213 26.05 0.79 -18.56
C VAL B 213 26.50 1.85 -19.56
N SER B 214 25.74 2.03 -20.64
CA SER B 214 26.15 2.92 -21.71
C SER B 214 25.99 4.42 -21.42
N GLU B 215 25.15 4.77 -20.45
CA GLU B 215 25.09 6.16 -20.02
C GLU B 215 26.19 6.37 -18.98
N GLY B 216 26.88 5.29 -18.62
CA GLY B 216 28.01 5.38 -17.72
C GLY B 216 27.70 5.41 -16.23
N VAL B 217 26.50 4.97 -15.86
CA VAL B 217 26.08 4.89 -14.47
C VAL B 217 26.50 3.57 -13.79
N ASP B 218 26.50 2.48 -14.56
CA ASP B 218 27.03 1.21 -14.10
C ASP B 218 28.36 0.94 -14.78
N MSE B 219 29.36 0.56 -14.01
CA MSE B 219 30.69 0.32 -14.56
C MSE B 219 30.62 -0.99 -15.32
O MSE B 219 31.30 -1.19 -16.32
CB MSE B 219 31.70 0.25 -13.43
CG MSE B 219 33.15 0.25 -13.85
SE MSE B 219 34.27 0.53 -12.28
CE MSE B 219 33.90 2.41 -11.96
N LYS B 220 29.78 -1.89 -14.83
CA LYS B 220 29.52 -3.14 -15.51
C LYS B 220 28.02 -3.45 -15.45
N LYS B 221 27.52 -4.23 -16.40
CA LYS B 221 26.08 -4.50 -16.47
C LYS B 221 25.63 -5.06 -15.15
N PHE B 222 24.51 -4.55 -14.64
CA PHE B 222 23.91 -5.13 -13.44
C PHE B 222 24.59 -4.74 -12.11
N LEU B 223 25.62 -3.89 -12.16
CA LEU B 223 26.44 -3.69 -10.98
C LEU B 223 25.66 -3.09 -9.80
N SER B 224 25.02 -1.94 -9.99
CA SER B 224 24.37 -1.31 -8.85
C SER B 224 23.19 -2.12 -8.26
N PHE B 225 22.36 -2.70 -9.11
CA PHE B 225 21.34 -3.64 -8.64
C PHE B 225 21.98 -4.76 -7.82
N PHE B 226 23.02 -5.37 -8.38
CA PHE B 226 23.62 -6.50 -7.71
C PHE B 226 24.23 -6.09 -6.36
N SER B 227 24.77 -4.88 -6.29
CA SER B 227 25.40 -4.44 -5.06
C SER B 227 24.36 -4.07 -3.96
N LEU B 228 23.17 -3.62 -4.38
CA LEU B 228 22.03 -3.48 -3.48
C LEU B 228 21.63 -4.84 -2.92
N PHE B 229 21.44 -5.79 -3.82
CA PHE B 229 21.13 -7.17 -3.49
C PHE B 229 22.12 -7.74 -2.49
N SER B 230 23.36 -7.30 -2.58
CA SER B 230 24.43 -7.97 -1.88
C SER B 230 24.49 -7.60 -0.42
N LYS B 231 24.33 -6.31 -0.10
CA LYS B 231 24.40 -5.89 1.30
C LYS B 231 23.06 -5.85 2.00
N SER B 232 21.98 -5.73 1.22
CA SER B 232 20.62 -5.66 1.75
C SER B 232 20.40 -6.64 2.86
N LYS B 233 19.56 -6.28 3.83
CA LYS B 233 19.18 -7.27 4.81
C LYS B 233 17.69 -7.67 4.79
N SER B 234 16.81 -6.91 4.14
CA SER B 234 15.44 -7.44 3.94
C SER B 234 15.61 -8.85 3.50
N GLU B 235 14.66 -9.69 3.81
CA GLU B 235 14.69 -10.98 3.16
C GLU B 235 13.72 -11.01 2.00
N LYS B 236 12.78 -10.06 2.01
CA LYS B 236 11.90 -9.87 0.86
C LYS B 236 12.70 -9.42 -0.36
N PHE B 237 13.80 -8.72 -0.09
CA PHE B 237 14.60 -8.10 -1.14
C PHE B 237 15.58 -9.07 -1.75
N LYS B 238 16.15 -9.94 -0.92
CA LYS B 238 17.03 -11.00 -1.39
C LYS B 238 16.22 -11.90 -2.30
N HIS B 239 15.08 -12.35 -1.79
CA HIS B 239 14.23 -13.16 -2.63
C HIS B 239 13.90 -12.46 -3.94
N ALA B 240 13.44 -11.22 -3.86
CA ALA B 240 12.91 -10.57 -5.05
C ALA B 240 14.02 -10.35 -6.07
N SER B 241 15.21 -10.07 -5.54
CA SER B 241 16.41 -9.91 -6.35
C SER B 241 16.75 -11.23 -7.06
N LEU B 242 16.68 -12.34 -6.34
CA LEU B 242 16.89 -13.62 -6.97
C LEU B 242 15.90 -13.88 -8.11
N VAL B 243 14.64 -13.53 -7.88
CA VAL B 243 13.62 -13.77 -8.89
C VAL B 243 13.94 -12.97 -10.15
N LEU B 244 14.37 -11.74 -9.97
CA LEU B 244 14.74 -10.91 -11.12
C LEU B 244 15.93 -11.49 -11.90
N ILE B 245 16.93 -11.97 -11.17
CA ILE B 245 18.14 -12.49 -11.77
C ILE B 245 17.80 -13.70 -12.61
N ASN B 246 17.14 -14.66 -11.98
CA ASN B 246 16.69 -15.85 -12.69
C ASN B 246 15.81 -15.56 -13.90
N ASN B 247 14.98 -14.52 -13.84
CA ASN B 247 14.16 -14.13 -14.97
C ASN B 247 15.05 -13.62 -16.11
N LEU B 248 16.06 -12.84 -15.78
CA LEU B 248 16.92 -12.27 -16.80
C LEU B 248 17.75 -13.35 -17.49
N ILE B 249 18.16 -14.34 -16.72
CA ILE B 249 18.92 -15.45 -17.23
C ILE B 249 18.01 -16.43 -17.97
N ASP B 250 16.76 -16.56 -17.52
CA ASP B 250 15.82 -17.44 -18.20
C ASP B 250 15.49 -16.95 -19.61
N GLN B 251 16.32 -17.33 -20.56
CA GLN B 251 16.13 -16.97 -21.95
C GLN B 251 15.95 -18.24 -22.75
N PRO B 252 15.30 -18.13 -23.92
CA PRO B 252 15.02 -19.36 -24.68
C PRO B 252 16.30 -19.94 -25.32
N GLU B 253 17.20 -19.06 -25.76
CA GLU B 253 18.43 -19.47 -26.44
C GLU B 253 19.57 -19.61 -25.45
N LEU B 254 20.29 -20.72 -25.55
CA LEU B 254 21.48 -20.99 -24.73
C LEU B 254 22.49 -19.87 -24.84
N GLU B 255 22.70 -19.41 -26.07
CA GLU B 255 23.61 -18.29 -26.31
C GLU B 255 23.28 -17.13 -25.39
N HIS B 256 22.00 -16.82 -25.25
CA HIS B 256 21.56 -15.68 -24.45
C HIS B 256 21.63 -15.89 -22.92
N ARG B 257 21.33 -17.09 -22.45
CA ARG B 257 21.60 -17.43 -21.06
C ARG B 257 23.10 -17.39 -20.77
N MSE B 258 23.90 -18.14 -21.54
CA MSE B 258 25.35 -18.23 -21.31
C MSE B 258 25.83 -16.74 -21.14
O MSE B 258 26.61 -16.42 -20.26
CB MSE B 258 26.11 -19.05 -22.41
CG MSE B 258 26.39 -20.66 -22.22
SE MSE B 258 27.34 -21.30 -23.80
CE MSE B 258 28.90 -20.14 -23.71
N ASP B 259 25.25 -15.83 -21.92
CA ASP B 259 25.68 -14.42 -21.97
C ASP B 259 25.28 -13.55 -20.77
N VAL B 260 24.00 -13.56 -20.43
CA VAL B 260 23.47 -12.84 -19.29
C VAL B 260 24.09 -13.33 -17.97
N ARG B 261 24.04 -14.64 -17.77
CA ARG B 261 24.68 -15.22 -16.60
C ARG B 261 26.20 -14.90 -16.52
N ASN B 262 26.90 -14.88 -17.66
CA ASN B 262 28.32 -14.50 -17.63
C ASN B 262 28.50 -13.10 -17.03
N SER B 263 27.70 -12.13 -17.46
CA SER B 263 27.67 -10.77 -16.88
C SER B 263 27.52 -10.82 -15.35
N PHE B 264 26.71 -11.73 -14.85
CA PHE B 264 26.51 -11.83 -13.42
C PHE B 264 27.69 -12.52 -12.77
N ILE B 265 28.21 -13.56 -13.41
CA ILE B 265 29.41 -14.18 -12.90
C ILE B 265 30.53 -13.15 -12.82
N GLU B 266 30.61 -12.32 -13.85
CA GLU B 266 31.67 -11.33 -13.99
C GLU B 266 31.69 -10.34 -12.82
N ILE B 267 30.56 -10.19 -12.12
CA ILE B 267 30.47 -9.20 -11.05
C ILE B 267 30.28 -9.77 -9.65
N GLY B 268 30.55 -11.07 -9.50
CA GLY B 268 30.58 -11.67 -8.19
C GLY B 268 29.38 -12.47 -7.71
N LEU B 269 28.41 -12.70 -8.59
CA LEU B 269 27.21 -13.46 -8.25
C LEU B 269 27.50 -14.83 -7.67
N VAL B 270 28.31 -15.60 -8.37
CA VAL B 270 28.55 -16.97 -7.92
C VAL B 270 29.07 -17.04 -6.49
N ASN B 271 30.10 -16.25 -6.19
CA ASN B 271 30.67 -16.29 -4.85
C ASN B 271 29.70 -15.78 -3.81
N GLU B 272 28.75 -14.97 -4.26
CA GLU B 272 27.77 -14.38 -3.39
C GLU B 272 26.75 -15.43 -2.96
N LEU B 273 26.25 -16.20 -3.92
CA LEU B 273 25.29 -17.25 -3.59
C LEU B 273 25.93 -18.34 -2.76
N GLU B 274 27.10 -18.80 -3.18
CA GLU B 274 27.79 -19.84 -2.43
C GLU B 274 28.03 -19.43 -0.98
N ASN B 275 28.20 -18.14 -0.71
CA ASN B 275 28.30 -17.70 0.69
C ASN B 275 26.98 -17.84 1.43
N MSE B 276 25.87 -17.70 0.71
CA MSE B 276 24.54 -17.77 1.31
C MSE B 276 24.17 -19.20 1.67
O MSE B 276 23.37 -19.42 2.57
CB MSE B 276 23.50 -17.16 0.38
CG MSE B 276 23.60 -15.63 0.27
SE MSE B 276 22.46 -14.76 -1.11
CE MSE B 276 20.69 -15.31 -0.45
N LYS B 277 24.75 -20.15 0.95
CA LYS B 277 24.52 -21.56 1.22
C LYS B 277 25.11 -21.98 2.58
N ASN B 278 26.22 -21.35 2.97
CA ASN B 278 26.84 -21.64 4.26
C ASN B 278 26.22 -20.77 5.35
N THR B 279 25.07 -20.20 5.04
CA THR B 279 24.46 -19.15 5.85
C THR B 279 22.99 -19.43 6.16
N GLU B 280 22.51 -18.81 7.24
CA GLU B 280 21.13 -18.96 7.68
C GLU B 280 20.10 -18.71 6.57
N TRP B 281 20.56 -18.17 5.44
CA TRP B 281 19.65 -17.79 4.36
C TRP B 281 18.88 -18.96 3.77
N MSE B 282 19.46 -20.16 3.83
CA MSE B 282 18.82 -21.33 3.25
C MSE B 282 17.60 -21.78 4.04
O MSE B 282 16.84 -22.63 3.58
CB MSE B 282 19.84 -22.47 3.14
CG MSE B 282 21.04 -22.13 2.27
SE MSE B 282 20.55 -21.72 0.41
CE MSE B 282 20.12 -23.52 -0.20
N LYS B 283 17.39 -21.21 5.23
CA LYS B 283 16.26 -21.60 6.05
C LYS B 283 14.94 -21.18 5.41
N ILE B 284 15.01 -20.24 4.46
CA ILE B 284 13.83 -19.76 3.77
C ILE B 284 13.63 -20.45 2.42
N ASP B 285 12.50 -21.14 2.29
CA ASP B 285 12.25 -21.95 1.11
C ASP B 285 12.12 -21.15 -0.18
N LYS B 286 11.62 -19.93 -0.11
CA LYS B 286 11.54 -19.12 -1.33
C LYS B 286 12.94 -18.87 -1.89
N ILE B 287 13.91 -18.71 -1.00
CA ILE B 287 15.26 -18.35 -1.39
C ILE B 287 16.15 -19.55 -1.67
N LYS B 288 15.95 -20.64 -0.95
CA LYS B 288 16.67 -21.87 -1.24
C LYS B 288 16.41 -22.33 -2.66
N ASP B 289 15.15 -22.28 -3.06
CA ASP B 289 14.73 -22.76 -4.38
C ASP B 289 15.22 -21.90 -5.52
N SER B 290 15.32 -20.60 -5.30
CA SER B 290 15.81 -19.70 -6.34
C SER B 290 17.30 -19.91 -6.55
N ILE B 291 18.03 -20.13 -5.46
CA ILE B 291 19.46 -20.38 -5.55
C ILE B 291 19.70 -21.74 -6.22
N ASN B 292 18.98 -22.76 -5.78
CA ASN B 292 19.12 -24.04 -6.47
C ASN B 292 18.82 -23.92 -7.97
N ASP B 293 17.82 -23.10 -8.32
CA ASP B 293 17.38 -23.02 -9.71
C ASP B 293 18.52 -22.51 -10.54
N PHE B 294 19.19 -21.49 -10.01
CA PHE B 294 20.32 -20.86 -10.66
C PHE B 294 21.39 -21.91 -11.00
N PHE B 295 21.82 -22.67 -10.00
CA PHE B 295 22.86 -23.67 -10.19
C PHE B 295 22.42 -24.81 -11.10
N ASP B 296 21.23 -25.33 -10.85
CA ASP B 296 20.65 -26.37 -11.69
C ASP B 296 20.61 -25.94 -13.17
N SER B 297 20.35 -24.67 -13.43
CA SER B 297 20.24 -24.17 -14.81
C SER B 297 21.63 -23.92 -15.40
N TRP B 298 22.57 -23.54 -14.54
CA TRP B 298 23.95 -23.30 -14.96
C TRP B 298 24.62 -24.59 -15.35
N GLU B 299 24.24 -25.67 -14.67
CA GLU B 299 24.88 -26.96 -14.90
C GLU B 299 24.37 -27.61 -16.17
N GLU B 300 23.07 -27.47 -16.41
CA GLU B 300 22.46 -28.05 -17.60
C GLU B 300 23.08 -27.39 -18.81
N ASP B 301 23.28 -26.08 -18.70
CA ASP B 301 23.92 -25.30 -19.76
C ASP B 301 25.38 -25.69 -20.03
N LYS B 302 26.13 -26.05 -18.99
CA LYS B 302 27.48 -26.58 -19.16
C LYS B 302 27.44 -27.89 -19.94
N LYS B 303 26.62 -28.85 -19.50
CA LYS B 303 26.45 -30.10 -20.23
C LYS B 303 26.12 -29.85 -21.70
N GLU B 304 25.25 -28.87 -21.95
CA GLU B 304 24.75 -28.63 -23.29
C GLU B 304 25.88 -28.10 -24.16
N VAL B 305 26.60 -27.13 -23.61
CA VAL B 305 27.78 -26.56 -24.25
C VAL B 305 28.82 -27.63 -24.50
N GLU B 306 29.06 -28.48 -23.51
CA GLU B 306 30.01 -29.56 -23.67
C GLU B 306 29.53 -30.45 -24.79
N SER B 307 28.22 -30.63 -24.83
CA SER B 307 27.59 -31.57 -25.73
C SER B 307 27.67 -31.09 -27.18
N ARG B 308 27.62 -29.78 -27.36
CA ARG B 308 27.76 -29.25 -28.72
C ARG B 308 29.21 -29.33 -29.19
N PHE B 309 30.15 -28.95 -28.31
CA PHE B 309 31.57 -29.06 -28.60
C PHE B 309 31.96 -30.47 -29.03
N ASP B 310 31.33 -31.45 -28.40
CA ASP B 310 31.58 -32.86 -28.65
C ASP B 310 31.20 -33.29 -30.07
N ASP B 311 30.31 -32.53 -30.70
CA ASP B 311 29.83 -32.88 -32.04
C ASP B 311 30.60 -32.18 -33.13
N LEU B 312 31.30 -31.12 -32.76
CA LEU B 312 32.14 -30.40 -33.71
C LEU B 312 33.43 -31.18 -34.04
PG GSP C . -8.36 -5.35 13.46
O3B GSP C . -7.88 -5.30 15.00
S1G GSP C . -7.27 -6.30 12.55
O2G GSP C . -9.78 -5.98 13.41
O3G GSP C . -8.43 -3.92 12.92
PB GSP C . -8.76 -4.67 16.19
O1B GSP C . -8.47 -3.23 16.38
O2B GSP C . -10.22 -4.88 16.04
PA GSP C . -9.18 -6.32 18.44
O1A GSP C . -10.24 -5.43 18.98
O2A GSP C . -9.79 -7.49 17.77
O3A GSP C . -8.19 -5.48 17.46
O5' GSP C . -8.10 -6.73 19.53
C5' GSP C . -6.78 -6.99 19.08
C4' GSP C . -6.14 -7.93 20.09
O4' GSP C . -5.70 -7.18 21.21
C3' GSP C . -7.14 -8.98 20.60
O3' GSP C . -6.54 -10.26 20.58
C2' GSP C . -7.43 -8.59 22.02
O2' GSP C . -7.28 -9.70 22.86
C1' GSP C . -6.37 -7.58 22.40
N9 GSP C . -7.02 -6.43 23.07
C8 GSP C . -8.05 -5.67 22.57
N7 GSP C . -8.32 -4.75 23.53
C5 GSP C . -7.51 -4.90 24.58
C6 GSP C . -7.38 -4.24 25.80
O6 GSP C . -8.10 -3.29 26.08
N1 GSP C . -6.43 -4.66 26.70
C2 GSP C . -5.61 -5.73 26.40
N2 GSP C . -4.67 -6.15 27.26
N3 GSP C . -5.75 -6.37 25.18
C4 GSP C . -6.69 -5.96 24.30
MG MG D . -11.20 -5.69 14.75
#